data_4KQD
#
_entry.id   4KQD
#
_cell.length_a   95.228
_cell.length_b   95.228
_cell.length_c   102.041
_cell.angle_alpha   90.00
_cell.angle_beta   90.00
_cell.angle_gamma   120.00
#
_symmetry.space_group_name_H-M   'P 61'
#
loop_
_entity.id
_entity.type
_entity.pdbx_description
1 polymer 'Protein TraJ'
2 non-polymer 2,3-DIHYDROXY-1,4-DITHIOBUTANE
3 non-polymer 'DITHIANE DIOL'
4 non-polymer GLYCEROL
5 water water
#
_entity_poly.entity_id   1
_entity_poly.type   'polypeptide(L)'
_entity_poly.pdbx_seq_one_letter_code
;GQIDLLENLTAVIQDYPNPACIRDETGKFIFCNTLFHESFLTQDQSAEKWLLSQRDFCELISVTEMEAYRNEHTHLNLVE
DVFIQNRFWTISVQSFLNGHRNIILWQFYDAAHVRHKDSYN
;
_entity_poly.pdbx_strand_id   A,B,C,D
#
loop_
_chem_comp.id
_chem_comp.type
_chem_comp.name
_chem_comp.formula
DTD non-polymer 'DITHIANE DIOL' 'C4 H8 O2 S2'
DTT non-polymer 2,3-DIHYDROXY-1,4-DITHIOBUTANE 'C4 H10 O2 S2'
GOL non-polymer GLYCEROL 'C3 H8 O3'
#
# COMPACT_ATOMS: atom_id res chain seq x y z
N ILE A 3 5.02 4.93 -38.78
CA ILE A 3 5.36 6.15 -37.96
C ILE A 3 4.18 6.76 -37.18
N ASP A 4 2.94 6.39 -37.53
CA ASP A 4 1.78 6.67 -36.67
C ASP A 4 1.92 5.96 -35.33
N LEU A 5 1.52 6.60 -34.24
CA LEU A 5 1.26 5.86 -33.01
C LEU A 5 0.21 4.79 -33.31
N LEU A 6 -0.86 5.19 -33.99
CA LEU A 6 -1.93 4.25 -34.33
C LEU A 6 -1.40 3.04 -35.11
N GLU A 7 -0.53 3.28 -36.08
CA GLU A 7 0.05 2.21 -36.88
C GLU A 7 0.94 1.26 -36.05
N ASN A 8 1.77 1.83 -35.20
CA ASN A 8 2.61 1.02 -34.33
C ASN A 8 1.76 0.19 -33.35
N LEU A 9 0.73 0.81 -32.77
CA LEU A 9 -0.14 0.11 -31.82
C LEU A 9 -0.91 -1.01 -32.49
N THR A 10 -1.42 -0.74 -33.70
CA THR A 10 -2.11 -1.74 -34.49
C THR A 10 -1.20 -2.96 -34.69
N ALA A 11 0.08 -2.72 -35.06
CA ALA A 11 1.03 -3.81 -35.29
C ALA A 11 1.28 -4.64 -34.03
N VAL A 12 1.39 -3.98 -32.89
CA VAL A 12 1.60 -4.67 -31.60
C VAL A 12 0.43 -5.62 -31.27
N ILE A 13 -0.80 -5.14 -31.44
CA ILE A 13 -1.97 -5.95 -31.01
C ILE A 13 -2.50 -6.90 -32.06
N GLN A 14 -2.09 -6.77 -33.32
CA GLN A 14 -2.65 -7.56 -34.42
C GLN A 14 -2.82 -9.06 -34.15
N ASP A 15 -1.75 -9.71 -33.70
CA ASP A 15 -1.76 -11.17 -33.49
C ASP A 15 -1.47 -11.52 -32.03
N TYR A 16 -1.82 -10.59 -31.15
CA TYR A 16 -1.61 -10.73 -29.72
C TYR A 16 -2.77 -11.62 -29.22
N PRO A 17 -2.53 -12.47 -28.20
CA PRO A 17 -3.48 -13.54 -27.93
C PRO A 17 -4.66 -13.16 -27.04
N ASN A 18 -5.00 -11.87 -26.99
CA ASN A 18 -6.25 -11.41 -26.39
C ASN A 18 -7.02 -10.64 -27.46
N PRO A 19 -8.37 -10.74 -27.48
CA PRO A 19 -9.09 -9.79 -28.30
C PRO A 19 -8.73 -8.36 -27.89
N ALA A 20 -8.59 -7.50 -28.88
CA ALA A 20 -8.32 -6.08 -28.64
C ALA A 20 -8.81 -5.26 -29.81
N CYS A 21 -9.22 -4.03 -29.52
CA CYS A 21 -9.67 -3.13 -30.55
C CYS A 21 -9.32 -1.70 -30.19
N ILE A 22 -9.34 -0.87 -31.22
CA ILE A 22 -9.05 0.55 -31.09
C ILE A 22 -10.23 1.33 -31.66
N ARG A 23 -10.70 2.32 -30.90
CA ARG A 23 -11.77 3.20 -31.27
C ARG A 23 -11.24 4.62 -31.33
N ASP A 24 -11.84 5.44 -32.19
CA ASP A 24 -11.47 6.84 -32.21
C ASP A 24 -12.29 7.60 -31.17
N GLU A 25 -12.02 8.89 -31.07
CA GLU A 25 -12.61 9.73 -30.04
C GLU A 25 -14.10 9.93 -30.23
N THR A 26 -14.61 9.64 -31.43
CA THR A 26 -16.03 9.76 -31.69
C THR A 26 -16.79 8.47 -31.42
N GLY A 27 -16.08 7.38 -31.17
CA GLY A 27 -16.71 6.07 -30.93
C GLY A 27 -16.75 5.14 -32.12
N LYS A 28 -16.05 5.46 -33.18
CA LYS A 28 -15.91 4.55 -34.30
C LYS A 28 -14.84 3.51 -34.03
N PHE A 29 -15.12 2.25 -34.37
CA PHE A 29 -14.08 1.22 -34.36
C PHE A 29 -13.15 1.47 -35.52
N ILE A 30 -11.86 1.67 -35.25
CA ILE A 30 -10.90 1.86 -36.34
C ILE A 30 -10.02 0.65 -36.62
N PHE A 31 -9.90 -0.25 -35.66
CA PHE A 31 -9.18 -1.51 -35.87
C PHE A 31 -9.59 -2.55 -34.82
N CYS A 32 -9.83 -3.78 -35.26
CA CYS A 32 -10.07 -4.92 -34.37
C CYS A 32 -9.07 -6.00 -34.73
N ASN A 33 -8.39 -6.58 -33.73
CA ASN A 33 -7.38 -7.58 -34.04
C ASN A 33 -7.97 -8.94 -34.42
N THR A 34 -7.10 -9.86 -34.81
CA THR A 34 -7.55 -11.16 -35.29
C THR A 34 -8.42 -11.87 -34.27
N LEU A 35 -7.99 -11.93 -33.02
CA LEU A 35 -8.73 -12.63 -31.99
C LEU A 35 -10.08 -11.96 -31.71
N PHE A 36 -10.16 -10.63 -31.87
CA PHE A 36 -11.43 -9.92 -31.72
C PHE A 36 -12.41 -10.41 -32.79
N HIS A 37 -11.97 -10.45 -34.03
CA HIS A 37 -12.79 -10.96 -35.11
C HIS A 37 -13.26 -12.38 -34.82
N GLU A 38 -12.32 -13.24 -34.39
CA GLU A 38 -12.62 -14.65 -34.15
C GLU A 38 -13.56 -14.89 -32.97
N SER A 39 -13.40 -14.11 -31.91
CA SER A 39 -14.18 -14.26 -30.69
C SER A 39 -15.56 -13.62 -30.79
N PHE A 40 -15.65 -12.52 -31.52
CA PHE A 40 -16.83 -11.64 -31.47
C PHE A 40 -17.52 -11.39 -32.81
N LEU A 41 -16.78 -11.36 -33.92
CA LEU A 41 -17.33 -10.97 -35.23
C LEU A 41 -17.40 -12.17 -36.18
N THR A 42 -17.91 -13.27 -35.66
CA THR A 42 -17.92 -14.55 -36.38
C THR A 42 -18.81 -14.59 -37.64
N GLN A 43 -19.69 -13.62 -37.81
CA GLN A 43 -20.59 -13.56 -38.96
CA GLN A 43 -20.57 -13.58 -38.98
C GLN A 43 -20.20 -12.43 -39.92
N ASP A 44 -18.99 -11.89 -39.73
CA ASP A 44 -18.52 -10.71 -40.48
C ASP A 44 -19.42 -9.48 -40.29
N GLN A 45 -20.15 -9.44 -39.17
CA GLN A 45 -20.91 -8.25 -38.79
C GLN A 45 -19.93 -7.19 -38.35
N SER A 46 -20.37 -5.94 -38.41
CA SER A 46 -19.53 -4.84 -37.98
C SER A 46 -19.34 -4.91 -36.47
N ALA A 47 -18.21 -4.41 -35.99
CA ALA A 47 -18.01 -4.26 -34.57
C ALA A 47 -19.08 -3.33 -34.00
N GLU A 48 -19.50 -2.35 -34.78
CA GLU A 48 -20.51 -1.40 -34.33
C GLU A 48 -21.85 -2.09 -33.96
N LYS A 49 -22.33 -2.99 -34.82
CA LYS A 49 -23.54 -3.75 -34.51
C LYS A 49 -23.38 -4.70 -33.31
N TRP A 50 -22.21 -5.33 -33.19
CA TRP A 50 -21.93 -6.17 -32.05
C TRP A 50 -22.02 -5.36 -30.76
N LEU A 51 -21.42 -4.17 -30.76
CA LEU A 51 -21.49 -3.32 -29.57
C LEU A 51 -22.93 -3.00 -29.20
N LEU A 52 -23.74 -2.62 -30.19
CA LEU A 52 -25.11 -2.20 -29.95
C LEU A 52 -25.97 -3.30 -29.33
N SER A 53 -25.62 -4.55 -29.62
CA SER A 53 -26.34 -5.71 -29.08
C SER A 53 -26.03 -6.04 -27.63
N GLN A 54 -24.95 -5.50 -27.08
CA GLN A 54 -24.52 -5.88 -25.74
C GLN A 54 -25.39 -5.25 -24.66
N ARG A 55 -25.92 -6.09 -23.78
CA ARG A 55 -26.70 -5.65 -22.64
C ARG A 55 -25.89 -5.42 -21.37
N ASP A 56 -24.63 -5.86 -21.33
CA ASP A 56 -23.80 -5.71 -20.14
C ASP A 56 -22.71 -4.66 -20.33
N PHE A 57 -22.95 -3.66 -21.17
CA PHE A 57 -21.92 -2.65 -21.52
C PHE A 57 -22.08 -1.28 -20.87
N CYS A 58 -23.00 -1.11 -19.92
CA CYS A 58 -23.24 0.20 -19.32
CA CYS A 58 -23.22 0.24 -19.43
C CYS A 58 -21.96 0.84 -18.79
N GLU A 59 -21.26 0.08 -17.94
CA GLU A 59 -20.03 0.60 -17.33
C GLU A 59 -18.92 0.82 -18.36
N LEU A 60 -18.73 -0.17 -19.23
CA LEU A 60 -17.71 -0.05 -20.28
C LEU A 60 -17.94 1.22 -21.11
N ILE A 61 -19.19 1.46 -21.51
CA ILE A 61 -19.51 2.63 -22.32
C ILE A 61 -19.27 3.94 -21.54
N SER A 62 -19.70 3.97 -20.28
CA SER A 62 -19.51 5.14 -19.42
CA SER A 62 -19.52 5.14 -19.42
C SER A 62 -18.05 5.48 -19.24
N VAL A 63 -17.25 4.46 -18.92
CA VAL A 63 -15.80 4.63 -18.72
C VAL A 63 -15.12 5.09 -20.01
N THR A 64 -15.53 4.52 -21.12
CA THR A 64 -14.95 4.87 -22.40
C THR A 64 -15.21 6.32 -22.78
N GLU A 65 -16.42 6.81 -22.52
CA GLU A 65 -16.75 8.19 -22.82
C GLU A 65 -15.85 9.12 -22.03
N MET A 66 -15.67 8.84 -20.75
CA MET A 66 -14.81 9.68 -19.92
C MET A 66 -13.37 9.67 -20.45
N GLU A 67 -12.88 8.50 -20.81
CA GLU A 67 -11.51 8.40 -21.34
C GLU A 67 -11.33 9.04 -22.71
N ALA A 68 -12.38 9.00 -23.53
CA ALA A 68 -12.31 9.55 -24.88
C ALA A 68 -11.97 11.03 -24.88
N TYR A 69 -12.38 11.75 -23.84
CA TYR A 69 -12.15 13.20 -23.76
C TYR A 69 -11.06 13.64 -22.80
N ARG A 70 -10.39 12.68 -22.16
CA ARG A 70 -9.32 13.02 -21.22
C ARG A 70 -8.12 13.72 -21.88
N ASN A 71 -7.54 14.72 -21.20
CA ASN A 71 -6.36 15.41 -21.71
C ASN A 71 -5.06 14.79 -21.26
N GLU A 72 -5.16 13.87 -20.31
CA GLU A 72 -4.00 13.13 -19.85
C GLU A 72 -4.24 11.62 -20.08
N HIS A 73 -3.17 10.89 -20.34
CA HIS A 73 -3.25 9.54 -20.93
C HIS A 73 -2.59 8.51 -20.07
N THR A 74 -2.79 8.66 -18.77
CA THR A 74 -2.09 7.85 -17.78
C THR A 74 -2.99 6.95 -16.95
N HIS A 75 -4.30 6.92 -17.23
CA HIS A 75 -5.21 6.13 -16.42
C HIS A 75 -5.39 4.75 -17.03
N LEU A 76 -5.61 3.77 -16.17
CA LEU A 76 -6.03 2.45 -16.59
C LEU A 76 -7.34 2.13 -15.88
N ASN A 77 -8.37 1.80 -16.64
CA ASN A 77 -9.65 1.43 -16.06
C ASN A 77 -9.91 -0.02 -16.41
N LEU A 78 -10.20 -0.82 -15.40
CA LEU A 78 -10.51 -2.22 -15.58
C LEU A 78 -12.00 -2.40 -15.33
N VAL A 79 -12.70 -2.88 -16.35
CA VAL A 79 -14.13 -3.15 -16.23
C VAL A 79 -14.27 -4.65 -16.10
N GLU A 80 -14.61 -5.11 -14.91
CA GLU A 80 -14.46 -6.51 -14.55
C GLU A 80 -15.74 -7.28 -14.74
N ASP A 81 -15.62 -8.53 -15.15
CA ASP A 81 -16.75 -9.46 -15.23
C ASP A 81 -17.90 -8.90 -16.09
N VAL A 82 -17.54 -8.57 -17.33
CA VAL A 82 -18.48 -8.20 -18.37
C VAL A 82 -18.87 -9.47 -19.11
N PHE A 83 -20.17 -9.75 -19.13
CA PHE A 83 -20.69 -10.97 -19.73
C PHE A 83 -21.02 -10.70 -21.18
N ILE A 84 -20.32 -11.41 -22.06
CA ILE A 84 -20.54 -11.29 -23.50
C ILE A 84 -20.85 -12.68 -24.06
N GLN A 85 -22.03 -12.80 -24.67
CA GLN A 85 -22.55 -14.04 -25.27
C GLN A 85 -22.84 -15.09 -24.21
N ASN A 86 -21.77 -15.70 -23.68
CA ASN A 86 -21.88 -16.78 -22.71
C ASN A 86 -20.69 -16.89 -21.78
N ARG A 87 -19.89 -15.82 -21.66
CA ARG A 87 -18.75 -15.88 -20.76
C ARG A 87 -18.36 -14.51 -20.29
N PHE A 88 -17.56 -14.51 -19.23
CA PHE A 88 -17.07 -13.28 -18.63
C PHE A 88 -15.70 -12.88 -19.18
N TRP A 89 -15.53 -11.58 -19.33
CA TRP A 89 -14.26 -10.94 -19.68
C TRP A 89 -13.98 -9.79 -18.72
N THR A 90 -12.70 -9.51 -18.50
CA THR A 90 -12.32 -8.26 -17.88
C THR A 90 -11.70 -7.41 -18.99
N ILE A 91 -12.17 -6.18 -19.11
CA ILE A 91 -11.78 -5.32 -20.21
C ILE A 91 -11.03 -4.12 -19.68
N SER A 92 -9.81 -3.91 -20.16
CA SER A 92 -9.06 -2.71 -19.79
C SER A 92 -9.31 -1.64 -20.82
N VAL A 93 -9.34 -0.41 -20.35
CA VAL A 93 -9.62 0.74 -21.19
C VAL A 93 -8.51 1.76 -20.94
N GLN A 94 -7.87 2.20 -22.02
CA GLN A 94 -6.74 3.14 -21.98
C GLN A 94 -6.89 4.08 -23.13
N SER A 95 -6.52 5.34 -22.92
CA SER A 95 -6.51 6.37 -23.95
C SER A 95 -5.04 6.63 -24.37
N PHE A 96 -4.84 6.86 -25.65
CA PHE A 96 -3.54 7.21 -26.20
C PHE A 96 -3.72 8.43 -27.04
N LEU A 97 -2.70 9.30 -27.00
CA LEU A 97 -2.66 10.45 -27.87
C LEU A 97 -2.23 9.98 -29.26
N ASN A 98 -3.00 10.35 -30.27
CA ASN A 98 -2.62 10.15 -31.66
C ASN A 98 -2.67 11.53 -32.35
N GLY A 99 -1.52 12.20 -32.44
CA GLY A 99 -1.49 13.59 -32.89
C GLY A 99 -2.08 14.52 -31.83
N HIS A 100 -3.26 15.09 -32.11
CA HIS A 100 -3.97 15.94 -31.13
C HIS A 100 -5.26 15.30 -30.63
N ARG A 101 -5.56 14.11 -31.14
CA ARG A 101 -6.80 13.42 -30.81
C ARG A 101 -6.51 12.22 -29.93
N ASN A 102 -7.56 11.70 -29.29
CA ASN A 102 -7.44 10.50 -28.49
C ASN A 102 -7.92 9.29 -29.27
N ILE A 103 -7.25 8.17 -29.05
CA ILE A 103 -7.76 6.87 -29.44
C ILE A 103 -7.89 6.04 -28.18
N ILE A 104 -8.82 5.07 -28.20
CA ILE A 104 -9.14 4.28 -27.03
C ILE A 104 -8.84 2.84 -27.37
N LEU A 105 -8.06 2.20 -26.51
CA LEU A 105 -7.73 0.77 -26.63
C LEU A 105 -8.51 0.00 -25.62
N TRP A 106 -9.27 -1.00 -26.11
CA TRP A 106 -9.88 -2.02 -25.26
C TRP A 106 -9.09 -3.30 -25.44
N GLN A 107 -8.73 -3.92 -24.33
CA GLN A 107 -8.11 -5.23 -24.31
C GLN A 107 -8.94 -6.16 -23.46
N PHE A 108 -9.19 -7.37 -23.95
CA PHE A 108 -10.12 -8.30 -23.33
C PHE A 108 -9.36 -9.47 -22.72
N TYR A 109 -9.49 -9.64 -21.41
CA TYR A 109 -8.80 -10.67 -20.66
C TYR A 109 -9.76 -11.65 -20.04
N ASP A 110 -9.27 -12.82 -19.70
CA ASP A 110 -10.07 -13.78 -18.96
C ASP A 110 -10.35 -13.26 -17.54
N ALA A 111 -9.34 -12.62 -16.96
CA ALA A 111 -9.44 -12.05 -15.61
C ALA A 111 -8.22 -11.18 -15.35
N ALA A 112 -8.31 -10.36 -14.29
CA ALA A 112 -7.15 -9.64 -13.79
C ALA A 112 -6.58 -10.42 -12.60
N HIS A 113 -5.25 -10.54 -12.54
CA HIS A 113 -4.58 -11.19 -11.43
C HIS A 113 -3.73 -10.13 -10.73
N VAL A 114 -4.14 -9.80 -9.51
CA VAL A 114 -3.48 -8.74 -8.74
C VAL A 114 -2.57 -9.36 -7.65
N ARG A 115 -1.35 -8.86 -7.55
CA ARG A 115 -0.45 -9.18 -6.45
C ARG A 115 -0.09 -7.91 -5.69
N HIS A 116 0.06 -8.03 -4.37
CA HIS A 116 0.38 -6.90 -3.50
C HIS A 116 1.74 -7.08 -2.88
N ASP B 4 9.73 -5.04 -36.98
CA ASP B 4 9.23 -6.17 -36.16
C ASP B 4 8.47 -5.69 -34.91
N LEU B 5 7.99 -6.64 -34.12
CA LEU B 5 7.25 -6.35 -32.91
C LEU B 5 8.02 -5.45 -31.94
N LEU B 6 9.30 -5.74 -31.72
CA LEU B 6 10.09 -4.93 -30.81
C LEU B 6 10.15 -3.45 -31.22
N GLU B 7 10.38 -3.18 -32.50
CA GLU B 7 10.41 -1.81 -33.01
C GLU B 7 9.06 -1.12 -32.82
N ASN B 8 7.98 -1.82 -33.11
CA ASN B 8 6.66 -1.24 -32.96
C ASN B 8 6.34 -0.96 -31.50
N LEU B 9 6.65 -1.91 -30.62
CA LEU B 9 6.37 -1.74 -29.20
C LEU B 9 7.21 -0.60 -28.62
N THR B 10 8.47 -0.52 -29.03
CA THR B 10 9.35 0.55 -28.60
C THR B 10 8.78 1.92 -29.01
N ALA B 11 8.31 2.01 -30.25
CA ALA B 11 7.70 3.26 -30.75
C ALA B 11 6.49 3.65 -29.91
N VAL B 12 5.66 2.68 -29.54
CA VAL B 12 4.49 2.98 -28.72
C VAL B 12 4.93 3.52 -27.37
N ILE B 13 5.85 2.82 -26.72
CA ILE B 13 6.32 3.09 -25.35
CA ILE B 13 6.13 3.24 -25.35
C ILE B 13 7.08 4.42 -25.26
N GLN B 14 7.77 4.75 -26.34
CA GLN B 14 8.54 5.99 -26.30
C GLN B 14 7.64 7.22 -26.50
N ASP B 15 6.38 6.98 -26.89
CA ASP B 15 5.36 8.02 -26.91
CA ASP B 15 5.38 8.04 -26.89
C ASP B 15 4.40 7.83 -25.75
N TYR B 16 4.79 7.03 -24.77
CA TYR B 16 3.92 6.70 -23.68
C TYR B 16 4.17 7.60 -22.45
N PRO B 17 3.12 8.30 -21.97
CA PRO B 17 3.32 9.29 -20.90
C PRO B 17 3.37 8.75 -19.47
N ASN B 18 3.83 7.53 -19.27
CA ASN B 18 4.30 7.19 -17.95
C ASN B 18 5.48 6.27 -18.11
N PRO B 19 6.18 6.00 -17.00
CA PRO B 19 7.31 5.10 -17.10
C PRO B 19 6.93 3.74 -17.67
N ALA B 20 7.79 3.22 -18.53
CA ALA B 20 7.57 1.90 -19.10
C ALA B 20 8.90 1.37 -19.59
N CYS B 21 9.01 0.05 -19.62
CA CYS B 21 10.22 -0.60 -20.11
C CYS B 21 9.88 -1.93 -20.75
N ILE B 22 10.80 -2.40 -21.56
CA ILE B 22 10.70 -3.67 -22.28
C ILE B 22 11.87 -4.55 -21.87
N ARG B 23 11.54 -5.78 -21.46
CA ARG B 23 12.51 -6.79 -21.08
C ARG B 23 12.39 -8.01 -21.97
N ASP B 24 13.44 -8.82 -22.02
CA ASP B 24 13.36 -10.14 -22.67
C ASP B 24 13.30 -11.27 -21.60
N GLU B 25 13.24 -12.50 -22.10
CA GLU B 25 13.11 -13.69 -21.23
CA GLU B 25 13.13 -13.69 -21.25
C GLU B 25 14.34 -13.90 -20.36
N THR B 26 15.44 -13.23 -20.68
CA THR B 26 16.70 -13.38 -19.95
C THR B 26 16.90 -12.38 -18.82
N GLY B 27 15.91 -11.50 -18.62
CA GLY B 27 16.02 -10.45 -17.62
C GLY B 27 16.64 -9.16 -18.10
N LYS B 28 17.06 -9.10 -19.35
CA LYS B 28 17.68 -7.90 -19.88
C LYS B 28 16.64 -6.82 -20.06
N PHE B 29 16.98 -5.62 -19.66
CA PHE B 29 16.20 -4.44 -20.05
C PHE B 29 16.62 -4.05 -21.46
N ILE B 30 15.73 -4.27 -22.43
CA ILE B 30 15.95 -3.93 -23.83
CA ILE B 30 15.98 -3.94 -23.84
C ILE B 30 15.79 -2.44 -24.07
N PHE B 31 14.81 -1.82 -23.42
CA PHE B 31 14.51 -0.42 -23.64
C PHE B 31 13.73 0.14 -22.44
N CYS B 32 14.13 1.32 -21.97
CA CYS B 32 13.40 2.04 -20.93
C CYS B 32 13.07 3.41 -21.50
N ASN B 33 11.81 3.84 -21.40
CA ASN B 33 11.44 5.12 -22.00
C ASN B 33 11.94 6.31 -21.17
N THR B 34 11.77 7.52 -21.70
CA THR B 34 12.24 8.73 -21.04
C THR B 34 11.72 8.85 -19.63
N LEU B 35 10.43 8.63 -19.45
CA LEU B 35 9.87 8.80 -18.12
C LEU B 35 10.36 7.76 -17.10
N PHE B 36 10.70 6.56 -17.58
CA PHE B 36 11.32 5.57 -16.72
C PHE B 36 12.68 6.08 -16.24
N HIS B 37 13.48 6.63 -17.15
CA HIS B 37 14.75 7.24 -16.75
C HIS B 37 14.57 8.35 -15.75
N GLU B 38 13.64 9.26 -16.04
CA GLU B 38 13.47 10.44 -15.18
C GLU B 38 12.90 10.08 -13.80
N SER B 39 12.12 9.01 -13.72
CA SER B 39 11.49 8.63 -12.45
C SER B 39 12.43 7.80 -11.58
N PHE B 40 13.19 6.90 -12.23
CA PHE B 40 13.90 5.85 -11.53
C PHE B 40 15.43 5.88 -11.68
N LEU B 41 15.93 6.34 -12.82
CA LEU B 41 17.35 6.22 -13.12
C LEU B 41 18.07 7.57 -12.99
N THR B 42 17.92 8.18 -11.83
CA THR B 42 18.45 9.53 -11.54
C THR B 42 19.81 9.53 -10.84
N GLN B 43 20.44 8.36 -10.75
CA GLN B 43 21.81 8.25 -10.22
C GLN B 43 22.78 7.78 -11.29
N ASP B 44 22.47 8.07 -12.55
CA ASP B 44 23.23 7.56 -13.69
C ASP B 44 23.44 6.04 -13.61
N GLN B 45 22.44 5.33 -13.07
CA GLN B 45 22.54 3.90 -12.88
C GLN B 45 21.74 3.14 -13.94
N SER B 46 22.18 1.92 -14.22
CA SER B 46 21.47 1.03 -15.13
C SER B 46 20.15 0.60 -14.53
N ALA B 47 19.21 0.21 -15.39
CA ALA B 47 17.94 -0.31 -14.94
C ALA B 47 18.11 -1.57 -14.07
N GLU B 48 19.07 -2.42 -14.41
CA GLU B 48 19.28 -3.63 -13.62
C GLU B 48 19.78 -3.26 -12.23
N LYS B 49 20.71 -2.31 -12.14
CA LYS B 49 21.21 -1.92 -10.82
C LYS B 49 20.10 -1.30 -9.99
N TRP B 50 19.28 -0.47 -10.61
CA TRP B 50 18.11 0.07 -9.94
C TRP B 50 17.20 -1.03 -9.41
N LEU B 51 16.89 -1.99 -10.27
CA LEU B 51 15.97 -3.04 -9.90
C LEU B 51 16.49 -3.81 -8.70
N LEU B 52 17.76 -4.17 -8.75
CA LEU B 52 18.37 -4.95 -7.67
C LEU B 52 18.46 -4.19 -6.35
N SER B 53 18.39 -2.87 -6.42
CA SER B 53 18.40 -2.00 -5.23
C SER B 53 17.05 -1.90 -4.54
N GLN B 54 16.01 -2.34 -5.24
CA GLN B 54 14.63 -2.27 -4.76
C GLN B 54 14.22 -3.69 -4.39
N ARG B 55 14.67 -4.12 -3.21
CA ARG B 55 14.50 -5.51 -2.78
C ARG B 55 13.07 -6.02 -2.89
N ASP B 56 12.13 -5.33 -2.25
CA ASP B 56 10.77 -5.84 -2.17
C ASP B 56 10.12 -5.87 -3.54
N PHE B 57 10.34 -4.82 -4.31
CA PHE B 57 9.78 -4.72 -5.64
C PHE B 57 10.38 -5.76 -6.57
N CYS B 58 11.70 -5.93 -6.51
CA CYS B 58 12.35 -6.92 -7.37
C CYS B 58 11.78 -8.31 -7.11
N GLU B 59 11.63 -8.66 -5.84
CA GLU B 59 11.06 -9.95 -5.45
C GLU B 59 9.63 -10.12 -6.00
N LEU B 60 8.82 -9.08 -5.91
CA LEU B 60 7.45 -9.11 -6.42
C LEU B 60 7.36 -9.21 -7.93
N ILE B 61 8.06 -8.31 -8.63
CA ILE B 61 7.93 -8.23 -10.08
C ILE B 61 8.60 -9.43 -10.76
N SER B 62 9.61 -10.00 -10.13
CA SER B 62 10.29 -11.19 -10.65
CA SER B 62 10.27 -11.19 -10.68
C SER B 62 9.29 -12.34 -10.82
N VAL B 63 8.51 -12.59 -9.77
CA VAL B 63 7.49 -13.65 -9.79
C VAL B 63 6.34 -13.29 -10.74
N THR B 64 5.87 -12.05 -10.67
CA THR B 64 4.80 -11.62 -11.56
C THR B 64 5.19 -11.76 -13.01
N GLU B 65 6.41 -11.37 -13.33
CA GLU B 65 6.87 -11.44 -14.69
C GLU B 65 6.93 -12.89 -15.17
N MET B 66 7.38 -13.81 -14.31
CA MET B 66 7.43 -15.21 -14.69
C MET B 66 6.01 -15.76 -14.92
N GLU B 67 5.09 -15.39 -14.04
CA GLU B 67 3.68 -15.77 -14.22
C GLU B 67 3.05 -15.21 -15.50
N ALA B 68 3.41 -13.97 -15.82
CA ALA B 68 2.84 -13.27 -16.96
C ALA B 68 3.22 -13.90 -18.27
N TYR B 69 4.50 -14.26 -18.44
CA TYR B 69 4.94 -14.65 -19.76
C TYR B 69 4.91 -16.17 -19.92
N ARG B 70 5.06 -16.91 -18.82
CA ARG B 70 5.02 -18.37 -18.89
C ARG B 70 3.59 -18.94 -18.93
N ASN B 71 2.70 -18.33 -18.16
CA ASN B 71 1.37 -18.89 -17.87
C ASN B 71 0.23 -18.07 -18.43
N GLU B 72 0.24 -16.79 -18.04
CA GLU B 72 -0.95 -15.96 -17.99
C GLU B 72 -0.98 -14.91 -19.10
N HIS B 73 -0.83 -15.35 -20.35
CA HIS B 73 -0.81 -14.43 -21.52
C HIS B 73 -2.17 -13.79 -21.78
N THR B 74 -3.23 -14.45 -21.34
CA THR B 74 -4.59 -13.91 -21.44
C THR B 74 -5.16 -13.36 -20.13
N HIS B 75 -4.33 -13.31 -19.08
CA HIS B 75 -4.74 -12.69 -17.83
C HIS B 75 -4.01 -11.35 -17.70
N LEU B 76 -4.65 -10.41 -17.02
CA LEU B 76 -4.04 -9.12 -16.78
C LEU B 76 -3.26 -9.26 -15.48
N ASN B 77 -1.94 -9.08 -15.58
CA ASN B 77 -1.05 -9.24 -14.46
C ASN B 77 -0.63 -7.88 -13.91
N LEU B 78 -1.03 -7.60 -12.67
CA LEU B 78 -0.72 -6.34 -12.01
C LEU B 78 0.05 -6.54 -10.72
N VAL B 79 1.00 -5.65 -10.48
CA VAL B 79 1.61 -5.49 -9.16
C VAL B 79 1.04 -4.16 -8.63
N GLU B 80 0.20 -4.24 -7.61
CA GLU B 80 -0.56 -3.06 -7.17
C GLU B 80 0.00 -2.39 -5.92
N ASP B 81 -0.03 -1.06 -5.93
CA ASP B 81 0.23 -0.23 -4.74
C ASP B 81 1.62 -0.46 -4.15
N VAL B 82 2.64 -0.40 -5.02
CA VAL B 82 4.02 -0.61 -4.60
C VAL B 82 4.72 0.74 -4.47
N PHE B 83 5.35 0.97 -3.32
CA PHE B 83 6.07 2.20 -3.07
C PHE B 83 7.45 2.15 -3.74
N ILE B 84 7.69 3.07 -4.67
CA ILE B 84 8.98 3.27 -5.30
C ILE B 84 9.21 4.77 -5.54
N GLN B 85 10.37 5.27 -5.14
CA GLN B 85 10.75 6.68 -5.39
C GLN B 85 9.70 7.69 -4.92
N ASN B 86 9.26 7.52 -3.67
CA ASN B 86 8.37 8.47 -3.02
C ASN B 86 6.95 8.52 -3.61
N ARG B 87 6.54 7.48 -4.33
CA ARG B 87 5.13 7.38 -4.77
C ARG B 87 4.69 5.93 -4.86
N PHE B 88 3.38 5.73 -4.80
CA PHE B 88 2.78 4.41 -4.98
C PHE B 88 2.44 4.19 -6.44
N TRP B 89 2.89 3.05 -6.96
CA TRP B 89 2.67 2.68 -8.35
C TRP B 89 1.87 1.41 -8.46
N THR B 90 1.19 1.25 -9.58
CA THR B 90 0.67 -0.03 -10.00
C THR B 90 1.23 -0.36 -11.39
N ILE B 91 1.76 -1.56 -11.53
CA ILE B 91 2.51 -1.96 -12.72
C ILE B 91 1.78 -3.09 -13.44
N SER B 92 1.49 -2.90 -14.72
CA SER B 92 0.98 -4.01 -15.55
C SER B 92 2.14 -4.67 -16.25
N VAL B 93 2.08 -5.99 -16.34
CA VAL B 93 3.12 -6.79 -16.97
C VAL B 93 2.46 -7.64 -18.05
N GLN B 94 2.90 -7.46 -19.29
CA GLN B 94 2.32 -8.18 -20.44
CA GLN B 94 2.33 -8.16 -20.45
C GLN B 94 3.43 -8.72 -21.34
N SER B 95 3.26 -9.95 -21.81
CA SER B 95 4.24 -10.52 -22.73
CA SER B 95 4.23 -10.55 -22.72
C SER B 95 3.70 -10.54 -24.16
N PHE B 96 4.61 -10.36 -25.11
CA PHE B 96 4.31 -10.36 -26.52
C PHE B 96 5.28 -11.31 -27.19
N LEU B 97 4.79 -12.04 -28.17
CA LEU B 97 5.64 -13.01 -28.87
C LEU B 97 6.02 -12.51 -30.25
N ASN B 98 7.31 -12.62 -30.56
CA ASN B 98 7.78 -12.62 -31.94
C ASN B 98 8.36 -14.00 -32.17
N GLY B 99 7.65 -14.85 -32.92
CA GLY B 99 7.96 -16.27 -32.94
C GLY B 99 7.93 -16.81 -31.52
N HIS B 100 9.03 -17.41 -31.07
CA HIS B 100 9.10 -17.95 -29.72
C HIS B 100 9.80 -17.03 -28.74
N ARG B 101 10.16 -15.82 -29.20
CA ARG B 101 10.87 -14.83 -28.39
C ARG B 101 9.84 -14.01 -27.62
N ASN B 102 9.86 -14.11 -26.28
CA ASN B 102 8.98 -13.28 -25.45
C ASN B 102 9.60 -11.92 -25.26
N ILE B 103 8.76 -10.91 -25.44
CA ILE B 103 9.08 -9.51 -25.23
C ILE B 103 8.11 -9.03 -24.16
N ILE B 104 8.65 -8.62 -23.00
CA ILE B 104 7.83 -8.36 -21.83
C ILE B 104 7.75 -6.86 -21.57
N LEU B 105 6.54 -6.34 -21.43
CA LEU B 105 6.31 -4.90 -21.19
C LEU B 105 5.92 -4.68 -19.73
N TRP B 106 6.60 -3.74 -19.07
CA TRP B 106 6.14 -3.20 -17.78
C TRP B 106 5.64 -1.79 -18.01
N GLN B 107 4.40 -1.52 -17.61
CA GLN B 107 3.82 -0.18 -17.68
C GLN B 107 3.50 0.28 -16.27
N PHE B 108 4.02 1.44 -15.88
CA PHE B 108 3.86 1.98 -14.53
C PHE B 108 2.75 3.02 -14.53
N TYR B 109 1.77 2.84 -13.65
CA TYR B 109 0.73 3.80 -13.43
C TYR B 109 0.79 4.31 -12.00
N ASP B 110 0.41 5.57 -11.75
CA ASP B 110 0.13 6.02 -10.40
CA ASP B 110 0.16 5.97 -10.39
C ASP B 110 -0.94 5.07 -9.85
N ALA B 111 -0.74 4.56 -8.63
CA ALA B 111 -1.68 3.57 -8.08
C ALA B 111 -3.12 4.11 -8.06
N ALA B 112 -3.27 5.41 -7.80
CA ALA B 112 -4.59 6.05 -7.78
C ALA B 112 -5.21 6.21 -9.18
N HIS B 113 -4.41 6.02 -10.23
CA HIS B 113 -4.88 6.12 -11.60
C HIS B 113 -5.30 4.78 -12.21
N VAL B 114 -5.26 3.71 -11.42
CA VAL B 114 -5.82 2.41 -11.84
C VAL B 114 -7.13 2.16 -11.09
N ARG B 115 -8.22 2.03 -11.84
CA ARG B 115 -9.56 1.88 -11.24
C ARG B 115 -10.16 0.54 -11.62
N HIS B 116 -10.71 -0.17 -10.64
CA HIS B 116 -11.47 -1.41 -10.87
C HIS B 116 -12.96 -1.10 -10.74
N LYS B 117 -13.77 -1.75 -11.57
CA LYS B 117 -15.23 -1.59 -11.45
C LYS B 117 -15.96 -2.74 -12.11
N ASP B 118 -17.03 -3.22 -11.49
CA ASP B 118 -17.84 -4.29 -12.09
C ASP B 118 -18.60 -3.74 -13.30
N SER B 119 -19.18 -4.62 -14.11
CA SER B 119 -19.89 -4.20 -15.32
C SER B 119 -21.19 -3.44 -14.99
N ASP C 4 1.87 9.76 4.72
CA ASP C 4 2.67 10.31 5.86
C ASP C 4 2.38 9.54 7.16
N LEU C 5 3.09 9.91 8.22
CA LEU C 5 3.01 9.20 9.48
C LEU C 5 1.59 9.23 10.02
N LEU C 6 0.91 10.37 9.93
CA LEU C 6 -0.45 10.48 10.40
C LEU C 6 -1.38 9.45 9.75
N GLU C 7 -1.31 9.32 8.43
CA GLU C 7 -2.15 8.36 7.71
CA GLU C 7 -2.14 8.36 7.70
C GLU C 7 -1.85 6.94 8.16
N ASN C 8 -0.57 6.59 8.30
CA ASN C 8 -0.20 5.26 8.78
C ASN C 8 -0.66 5.00 10.22
N LEU C 9 -0.43 5.95 11.11
CA LEU C 9 -0.83 5.82 12.50
C LEU C 9 -2.37 5.68 12.64
N THR C 10 -3.10 6.51 11.91
CA THR C 10 -4.56 6.46 11.88
C THR C 10 -5.02 5.08 11.49
N ALA C 11 -4.40 4.53 10.45
CA ALA C 11 -4.78 3.19 9.98
C ALA C 11 -4.52 2.10 11.02
N VAL C 12 -3.43 2.21 11.77
CA VAL C 12 -3.11 1.24 12.81
C VAL C 12 -4.13 1.27 13.95
N ILE C 13 -4.46 2.47 14.43
CA ILE C 13 -5.33 2.56 15.60
C ILE C 13 -6.82 2.51 15.28
N GLN C 14 -7.20 2.68 14.01
CA GLN C 14 -8.62 2.78 13.63
C GLN C 14 -9.51 1.75 14.32
N ASP C 15 -9.16 0.47 14.19
CA ASP C 15 -9.99 -0.60 14.74
C ASP C 15 -9.24 -1.45 15.77
N TYR C 16 -8.20 -0.86 16.37
CA TYR C 16 -7.37 -1.60 17.32
C TYR C 16 -8.08 -1.59 18.70
N PRO C 17 -7.57 -2.37 19.68
CA PRO C 17 -8.49 -2.72 20.77
C PRO C 17 -8.65 -1.76 21.97
N ASN C 18 -8.13 -0.55 21.86
CA ASN C 18 -8.27 0.50 22.88
C ASN C 18 -8.93 1.74 22.26
N PRO C 19 -9.74 2.51 23.03
CA PRO C 19 -9.99 3.88 22.52
C PRO C 19 -8.68 4.63 22.38
N ALA C 20 -8.57 5.42 21.32
CA ALA C 20 -7.38 6.21 21.07
C ALA C 20 -7.71 7.39 20.18
N CYS C 21 -6.91 8.44 20.29
CA CYS C 21 -7.11 9.62 19.49
C CYS C 21 -5.81 10.35 19.25
N ILE C 22 -5.82 11.19 18.21
CA ILE C 22 -4.67 11.96 17.78
C ILE C 22 -5.06 13.44 17.80
N ARG C 23 -4.20 14.23 18.44
CA ARG C 23 -4.38 15.66 18.56
C ARG C 23 -3.23 16.41 17.91
N ASP C 24 -3.49 17.62 17.42
CA ASP C 24 -2.43 18.47 16.91
C ASP C 24 -1.96 19.49 17.95
N GLU C 25 -1.01 20.34 17.55
CA GLU C 25 -0.42 21.33 18.43
C GLU C 25 -1.36 22.47 18.82
N THR C 26 -2.55 22.50 18.24
CA THR C 26 -3.59 23.46 18.66
C THR C 26 -4.56 22.85 19.66
N GLY C 27 -4.43 21.55 19.92
CA GLY C 27 -5.36 20.82 20.77
C GLY C 27 -6.61 20.35 20.04
N LYS C 28 -6.60 20.43 18.72
CA LYS C 28 -7.68 19.88 17.92
CA LYS C 28 -7.69 19.88 17.92
C LYS C 28 -7.54 18.37 17.91
N PHE C 29 -8.66 17.66 18.07
CA PHE C 29 -8.68 16.23 17.89
C PHE C 29 -8.80 16.00 16.39
N ILE C 30 -7.70 15.59 15.76
CA ILE C 30 -7.73 15.44 14.31
C ILE C 30 -8.21 14.06 13.89
N PHE C 31 -8.20 13.11 14.82
CA PHE C 31 -8.73 11.76 14.57
C PHE C 31 -9.05 11.05 15.87
N CYS C 32 -10.22 10.43 15.94
CA CYS C 32 -10.60 9.57 17.06
C CYS C 32 -10.98 8.21 16.47
N ASN C 33 -10.46 7.12 17.04
CA ASN C 33 -10.71 5.80 16.47
C ASN C 33 -12.11 5.29 16.77
N THR C 34 -12.44 4.12 16.24
CA THR C 34 -13.78 3.57 16.37
C THR C 34 -14.19 3.44 17.83
N LEU C 35 -13.32 2.83 18.65
CA LEU C 35 -13.64 2.61 20.06
C LEU C 35 -13.77 3.92 20.84
N PHE C 36 -13.02 4.94 20.44
CA PHE C 36 -13.17 6.27 21.05
C PHE C 36 -14.55 6.82 20.75
N HIS C 37 -14.97 6.77 19.48
CA HIS C 37 -16.34 7.20 19.12
C HIS C 37 -17.42 6.41 19.86
N GLU C 38 -17.27 5.09 19.92
CA GLU C 38 -18.29 4.22 20.52
C GLU C 38 -18.32 4.37 22.04
N SER C 39 -17.16 4.59 22.65
CA SER C 39 -17.07 4.68 24.11
C SER C 39 -17.45 6.05 24.65
N PHE C 40 -16.98 7.10 24.00
CA PHE C 40 -17.02 8.45 24.53
C PHE C 40 -17.92 9.40 23.74
N LEU C 41 -17.90 9.31 22.42
CA LEU C 41 -18.66 10.26 21.59
C LEU C 41 -20.04 9.68 21.21
N THR C 42 -20.77 9.25 22.23
CA THR C 42 -21.98 8.46 22.02
C THR C 42 -23.16 9.28 21.50
N GLN C 43 -23.06 10.61 21.56
CA GLN C 43 -24.07 11.50 20.99
C GLN C 43 -23.59 12.13 19.69
N ASP C 44 -22.56 11.55 19.09
CA ASP C 44 -21.93 12.06 17.86
C ASP C 44 -21.50 13.52 18.01
N GLN C 45 -21.13 13.89 19.22
CA GLN C 45 -20.60 15.21 19.53
C GLN C 45 -19.12 15.27 19.13
N SER C 46 -18.60 16.48 19.02
CA SER C 46 -17.19 16.63 18.73
C SER C 46 -16.37 16.21 19.95
N ALA C 47 -15.16 15.76 19.69
CA ALA C 47 -14.26 15.38 20.77
C ALA C 47 -13.89 16.59 21.63
N GLU C 48 -13.86 17.77 21.02
CA GLU C 48 -13.53 19.00 21.77
C GLU C 48 -14.62 19.30 22.78
N LYS C 49 -15.88 19.22 22.34
CA LYS C 49 -17.02 19.43 23.23
C LYS C 49 -17.05 18.34 24.31
N TRP C 50 -16.79 17.10 23.91
CA TRP C 50 -16.67 16.02 24.88
C TRP C 50 -15.62 16.35 25.94
N LEU C 51 -14.42 16.75 25.52
CA LEU C 51 -13.35 17.01 26.48
C LEU C 51 -13.74 18.12 27.46
N LEU C 52 -14.29 19.20 26.93
CA LEU C 52 -14.68 20.32 27.76
C LEU C 52 -15.75 19.94 28.79
N SER C 53 -16.55 18.92 28.50
CA SER C 53 -17.57 18.45 29.45
C SER C 53 -16.97 17.67 30.62
N GLN C 54 -15.70 17.29 30.50
CA GLN C 54 -14.96 16.48 31.47
C GLN C 54 -14.06 17.43 32.26
N ARG C 55 -14.67 18.16 33.18
CA ARG C 55 -13.99 19.22 33.92
C ARG C 55 -12.76 18.76 34.68
N ASP C 56 -12.90 17.71 35.46
CA ASP C 56 -11.80 17.24 36.29
C ASP C 56 -10.70 16.61 35.42
N PHE C 57 -11.08 16.01 34.30
CA PHE C 57 -10.09 15.51 33.35
C PHE C 57 -9.31 16.66 32.74
N CYS C 58 -10.01 17.72 32.34
CA CYS C 58 -9.34 18.95 31.89
C CYS C 58 -8.35 19.49 32.92
N GLU C 59 -8.76 19.55 34.19
CA GLU C 59 -7.87 19.98 35.29
C GLU C 59 -6.63 19.09 35.36
N LEU C 60 -6.84 17.78 35.26
CA LEU C 60 -5.72 16.85 35.29
C LEU C 60 -4.73 17.12 34.15
N ILE C 61 -5.26 17.26 32.94
CA ILE C 61 -4.41 17.52 31.77
C ILE C 61 -3.59 18.79 31.98
N SER C 62 -4.27 19.83 32.47
CA SER C 62 -3.68 21.14 32.70
C SER C 62 -2.55 21.08 33.74
N VAL C 63 -2.85 20.51 34.89
CA VAL C 63 -1.89 20.48 36.00
C VAL C 63 -0.72 19.51 35.76
N THR C 64 -0.99 18.39 35.10
CA THR C 64 0.06 17.39 34.83
C THR C 64 0.96 17.79 33.66
N GLU C 65 0.51 18.73 32.83
CA GLU C 65 1.31 19.13 31.65
C GLU C 65 1.62 17.91 30.82
N MET C 66 0.62 17.02 30.66
CA MET C 66 0.91 15.73 30.05
C MET C 66 1.28 15.82 28.57
N GLU C 67 0.95 16.94 27.91
CA GLU C 67 1.35 17.20 26.53
C GLU C 67 2.59 18.09 26.35
N ALA C 68 3.33 18.29 27.42
CA ALA C 68 4.52 19.13 27.37
C ALA C 68 5.63 18.49 26.53
N TYR C 69 6.52 19.35 26.03
CA TYR C 69 7.73 18.95 25.30
C TYR C 69 7.45 18.12 24.05
N ARG C 70 6.63 18.67 23.15
CA ARG C 70 6.18 17.96 21.95
C ARG C 70 7.27 17.69 20.92
N ASN C 71 8.42 18.37 21.04
CA ASN C 71 9.55 18.05 20.17
C ASN C 71 10.32 16.82 20.66
N GLU C 72 10.02 16.38 21.87
CA GLU C 72 10.65 15.21 22.43
C GLU C 72 9.75 14.01 22.16
N HIS C 73 10.13 13.21 21.16
CA HIS C 73 9.28 12.14 20.66
C HIS C 73 9.52 10.77 21.28
N THR C 74 10.43 10.69 22.24
CA THR C 74 10.80 9.41 22.83
C THR C 74 10.17 9.14 24.17
N HIS C 75 9.60 10.15 24.82
CA HIS C 75 9.02 9.92 26.13
C HIS C 75 7.59 9.42 26.04
N LEU C 76 7.19 8.73 27.09
CA LEU C 76 5.82 8.29 27.31
C LEU C 76 5.33 8.79 28.66
N ASN C 77 4.28 9.58 28.64
CA ASN C 77 3.63 10.03 29.89
C ASN C 77 2.41 9.17 30.17
N LEU C 78 2.28 8.71 31.41
CA LEU C 78 1.13 7.92 31.83
C LEU C 78 0.34 8.64 32.89
N VAL C 79 -0.97 8.63 32.75
CA VAL C 79 -1.85 9.18 33.78
C VAL C 79 -2.78 8.04 34.17
N GLU C 80 -2.77 7.72 35.45
CA GLU C 80 -3.42 6.51 35.93
C GLU C 80 -4.71 6.81 36.69
N ASP C 81 -5.64 5.87 36.66
CA ASP C 81 -6.89 5.96 37.42
C ASP C 81 -7.68 7.24 37.11
N VAL C 82 -7.89 7.47 35.83
CA VAL C 82 -8.66 8.59 35.34
C VAL C 82 -10.11 8.10 35.15
N PHE C 83 -11.08 8.79 35.78
CA PHE C 83 -12.49 8.38 35.78
C PHE C 83 -13.24 9.02 34.63
N ILE C 84 -13.64 8.22 33.65
CA ILE C 84 -14.29 8.70 32.43
C ILE C 84 -15.35 7.67 32.02
N GLN C 85 -16.55 8.13 31.67
CA GLN C 85 -17.58 7.25 31.14
C GLN C 85 -17.81 6.05 32.08
N ASN C 86 -17.92 6.36 33.38
CA ASN C 86 -18.32 5.38 34.40
C ASN C 86 -17.24 4.37 34.80
N ARG C 87 -16.02 4.51 34.28
CA ARG C 87 -14.96 3.59 34.67
C ARG C 87 -13.60 4.27 34.74
N PHE C 88 -12.62 3.53 35.22
CA PHE C 88 -11.26 4.05 35.37
C PHE C 88 -10.38 3.59 34.23
N TRP C 89 -9.52 4.51 33.79
CA TRP C 89 -8.63 4.30 32.67
C TRP C 89 -7.21 4.71 33.03
N THR C 90 -6.25 4.08 32.37
CA THR C 90 -4.89 4.60 32.31
C THR C 90 -4.72 5.14 30.91
N ILE C 91 -4.19 6.35 30.79
CA ILE C 91 -4.01 6.97 29.50
C ILE C 91 -2.52 7.18 29.28
N SER C 92 -2.02 6.75 28.12
CA SER C 92 -0.65 7.09 27.71
C SER C 92 -0.67 8.19 26.68
N VAL C 93 0.36 9.04 26.72
CA VAL C 93 0.50 10.19 25.86
C VAL C 93 1.92 10.21 25.29
N GLN C 94 2.03 10.31 23.96
CA GLN C 94 3.32 10.41 23.29
C GLN C 94 3.21 11.29 22.06
N SER C 95 4.29 12.02 21.77
CA SER C 95 4.36 12.91 20.62
C SER C 95 5.06 12.19 19.48
N PHE C 96 4.60 12.43 18.26
CA PHE C 96 5.20 11.89 17.05
C PHE C 96 5.44 13.01 16.05
N LEU C 97 6.56 12.96 15.34
CA LEU C 97 6.78 13.85 14.23
C LEU C 97 5.95 13.40 13.03
N ASN C 98 5.17 14.33 12.47
CA ASN C 98 4.40 14.08 11.26
C ASN C 98 4.79 15.09 10.21
N GLY C 99 5.74 14.74 9.35
CA GLY C 99 6.26 15.68 8.37
C GLY C 99 7.01 16.78 9.09
N HIS C 100 6.43 17.98 9.13
CA HIS C 100 7.05 19.13 9.77
C HIS C 100 6.37 19.50 11.09
N ARG C 101 5.27 18.82 11.43
CA ARG C 101 4.50 19.16 12.63
CA ARG C 101 4.51 19.16 12.64
C ARG C 101 4.51 17.99 13.61
N ASN C 102 4.23 18.29 14.87
CA ASN C 102 4.06 17.28 15.90
C ASN C 102 2.59 16.93 16.06
N ILE C 103 2.31 15.65 16.31
CA ILE C 103 0.99 15.18 16.68
C ILE C 103 1.11 14.38 17.99
N ILE C 104 0.01 14.32 18.73
CA ILE C 104 0.00 13.68 20.04
C ILE C 104 -0.99 12.51 20.00
N LEU C 105 -0.53 11.34 20.44
CA LEU C 105 -1.37 10.15 20.53
C LEU C 105 -1.75 9.86 21.97
N TRP C 106 -3.05 9.79 22.24
CA TRP C 106 -3.59 9.31 23.51
C TRP C 106 -4.12 7.90 23.30
N GLN C 107 -3.74 6.99 24.19
CA GLN C 107 -4.25 5.60 24.19
C GLN C 107 -4.86 5.33 25.55
N PHE C 108 -6.06 4.75 25.56
CA PHE C 108 -6.85 4.54 26.76
C PHE C 108 -6.88 3.07 27.10
N TYR C 109 -6.37 2.73 28.27
CA TYR C 109 -6.28 1.35 28.71
C TYR C 109 -7.17 1.11 29.91
N ASP C 110 -7.62 -0.12 30.08
CA ASP C 110 -8.36 -0.48 31.26
C ASP C 110 -7.43 -0.35 32.45
N ALA C 111 -7.86 0.34 33.50
CA ALA C 111 -6.99 0.63 34.65
C ALA C 111 -6.69 -0.65 35.44
N ALA C 112 -5.63 -0.66 36.27
CA ALA C 112 -4.69 0.46 36.47
C ALA C 112 -3.33 0.16 35.85
N ILE D 3 -4.38 -1.97 1.81
CA ILE D 3 -3.02 -2.02 2.44
C ILE D 3 -3.19 -2.23 3.95
N ASP D 4 -2.63 -3.32 4.45
CA ASP D 4 -3.06 -3.87 5.72
C ASP D 4 -2.37 -3.25 6.93
N LEU D 5 -2.84 -3.65 8.09
CA LEU D 5 -2.35 -3.10 9.35
C LEU D 5 -0.84 -3.30 9.51
N LEU D 6 -0.32 -4.46 9.14
CA LEU D 6 1.10 -4.73 9.27
C LEU D 6 1.95 -3.72 8.46
N GLU D 7 1.53 -3.43 7.22
CA GLU D 7 2.26 -2.46 6.39
C GLU D 7 2.22 -1.08 7.03
N ASN D 8 1.07 -0.68 7.55
CA ASN D 8 0.93 0.60 8.22
C ASN D 8 1.75 0.67 9.49
N LEU D 9 1.74 -0.41 10.28
CA LEU D 9 2.49 -0.46 11.52
C LEU D 9 3.99 -0.42 11.25
N THR D 10 4.44 -1.13 10.23
CA THR D 10 5.85 -1.10 9.85
C THR D 10 6.25 0.33 9.45
N ALA D 11 5.39 1.01 8.69
CA ALA D 11 5.68 2.40 8.30
C ALA D 11 5.83 3.31 9.51
N VAL D 12 4.99 3.11 10.52
CA VAL D 12 5.07 3.90 11.75
C VAL D 12 6.42 3.64 12.45
N ILE D 13 6.73 2.36 12.62
CA ILE D 13 7.86 1.90 13.42
C ILE D 13 9.19 2.22 12.75
N GLN D 14 9.19 2.24 11.41
CA GLN D 14 10.42 2.53 10.70
C GLN D 14 10.84 3.98 10.89
N ASP D 15 9.89 4.85 11.20
CA ASP D 15 10.20 6.24 11.47
C ASP D 15 10.03 6.57 12.96
N TYR D 16 10.17 5.57 13.81
CA TYR D 16 9.94 5.72 15.25
C TYR D 16 11.29 5.88 15.98
N PRO D 17 11.44 6.90 16.84
CA PRO D 17 12.76 7.24 17.43
C PRO D 17 13.14 6.50 18.72
N ASN D 18 12.58 5.32 18.94
CA ASN D 18 12.99 4.42 20.00
C ASN D 18 13.20 3.05 19.31
N PRO D 19 14.03 2.16 19.90
CA PRO D 19 14.05 0.79 19.37
C PRO D 19 12.65 0.18 19.46
N ALA D 20 12.27 -0.52 18.40
CA ALA D 20 10.98 -1.18 18.34
C ALA D 20 11.02 -2.31 17.34
N CYS D 21 10.16 -3.29 17.56
CA CYS D 21 10.07 -4.43 16.66
C CYS D 21 8.65 -5.00 16.64
N ILE D 22 8.36 -5.69 15.54
CA ILE D 22 7.10 -6.36 15.34
C ILE D 22 7.36 -7.84 15.21
N ARG D 23 6.60 -8.63 15.97
CA ARG D 23 6.69 -10.07 15.97
C ARG D 23 5.32 -10.64 15.62
N ASP D 24 5.29 -11.89 15.19
CA ASP D 24 4.01 -12.61 15.06
C ASP D 24 3.85 -13.63 16.19
N GLU D 25 2.68 -14.26 16.24
CA GLU D 25 2.39 -15.16 17.34
C GLU D 25 3.20 -16.45 17.31
N THR D 26 3.95 -16.68 16.24
CA THR D 26 4.85 -17.82 16.19
C THR D 26 6.25 -17.51 16.76
N GLY D 27 6.47 -16.24 17.11
CA GLY D 27 7.76 -15.79 17.65
C GLY D 27 8.71 -15.24 16.61
N LYS D 28 8.26 -15.19 15.37
CA LYS D 28 9.05 -14.61 14.30
C LYS D 28 9.15 -13.10 14.47
N PHE D 29 10.36 -12.55 14.35
CA PHE D 29 10.53 -11.11 14.23
C PHE D 29 10.28 -10.72 12.77
N ILE D 30 9.17 -10.02 12.54
CA ILE D 30 8.79 -9.59 11.20
C ILE D 30 9.60 -8.37 10.78
N PHE D 31 9.80 -7.44 11.70
CA PHE D 31 10.48 -6.19 11.41
C PHE D 31 11.11 -5.63 12.68
N CYS D 32 12.37 -5.20 12.57
CA CYS D 32 13.06 -4.49 13.64
C CYS D 32 13.55 -3.17 13.07
N ASN D 33 13.26 -2.07 13.75
CA ASN D 33 13.62 -0.79 13.18
C ASN D 33 15.12 -0.49 13.34
N THR D 34 15.55 0.63 12.79
CA THR D 34 16.96 0.99 12.81
C THR D 34 17.54 1.03 14.21
N LEU D 35 16.83 1.68 15.13
CA LEU D 35 17.36 1.81 16.49
C LEU D 35 17.42 0.49 17.23
N PHE D 36 16.53 -0.42 16.88
CA PHE D 36 16.60 -1.78 17.42
C PHE D 36 17.92 -2.43 16.96
N HIS D 37 18.22 -2.32 15.68
CA HIS D 37 19.48 -2.86 15.16
C HIS D 37 20.70 -2.23 15.85
N GLU D 38 20.72 -0.90 15.94
CA GLU D 38 21.87 -0.19 16.51
C GLU D 38 22.05 -0.44 18.01
N SER D 39 20.96 -0.65 18.72
CA SER D 39 21.03 -0.86 20.17
C SER D 39 21.40 -2.28 20.53
N PHE D 40 20.83 -3.24 19.79
CA PHE D 40 20.85 -4.64 20.20
C PHE D 40 21.59 -5.56 19.27
N LEU D 41 21.53 -5.32 17.96
CA LEU D 41 22.01 -6.26 16.96
C LEU D 41 23.37 -5.82 16.41
N THR D 42 24.30 -5.60 17.33
CA THR D 42 25.65 -5.09 17.03
C THR D 42 26.71 -6.16 16.82
N GLN D 43 26.31 -7.43 16.80
CA GLN D 43 27.25 -8.53 16.49
C GLN D 43 26.84 -9.28 15.22
N ASP D 44 26.16 -8.59 14.32
CA ASP D 44 25.67 -9.15 13.06
C ASP D 44 24.75 -10.35 13.30
N GLN D 45 24.03 -10.30 14.43
CA GLN D 45 23.19 -11.41 14.83
C GLN D 45 21.73 -11.10 14.56
N SER D 46 20.97 -12.17 14.36
CA SER D 46 19.54 -12.08 14.19
C SER D 46 18.88 -11.63 15.49
N ALA D 47 17.70 -11.06 15.37
CA ALA D 47 16.91 -10.68 16.53
C ALA D 47 16.64 -11.89 17.45
N GLU D 48 16.34 -13.05 16.85
CA GLU D 48 16.07 -14.26 17.64
C GLU D 48 17.29 -14.70 18.43
N LYS D 49 18.45 -14.70 17.77
CA LYS D 49 19.69 -15.08 18.46
C LYS D 49 19.98 -14.10 19.60
N TRP D 50 19.76 -12.81 19.35
CA TRP D 50 19.91 -11.81 20.39
C TRP D 50 18.96 -12.10 21.55
N LEU D 51 17.69 -12.34 21.24
CA LEU D 51 16.71 -12.56 22.30
C LEU D 51 17.11 -13.74 23.18
N LEU D 52 17.48 -14.83 22.54
CA LEU D 52 17.88 -16.06 23.26
C LEU D 52 19.13 -15.89 24.13
N SER D 53 19.97 -14.90 23.82
CA SER D 53 21.16 -14.59 24.59
C SER D 53 20.87 -13.77 25.86
N GLN D 54 19.66 -13.25 25.94
CA GLN D 54 19.22 -12.40 27.05
C GLN D 54 18.22 -13.19 27.89
N ARG D 55 18.75 -14.08 28.72
CA ARG D 55 17.95 -15.06 29.45
C ARG D 55 16.80 -14.44 30.24
N ASP D 56 17.13 -13.52 31.15
CA ASP D 56 16.12 -12.96 32.05
C ASP D 56 15.06 -12.20 31.27
N PHE D 57 15.51 -11.43 30.28
CA PHE D 57 14.58 -10.64 29.48
C PHE D 57 13.69 -11.53 28.63
N CYS D 58 14.27 -12.55 28.02
CA CYS D 58 13.49 -13.47 27.20
C CYS D 58 12.38 -14.12 28.02
N GLU D 59 12.72 -14.54 29.24
CA GLU D 59 11.76 -15.13 30.16
C GLU D 59 10.64 -14.15 30.55
N LEU D 60 11.00 -12.90 30.86
CA LEU D 60 10.00 -11.90 31.22
C LEU D 60 9.05 -11.56 30.08
N ILE D 61 9.61 -11.28 28.92
CA ILE D 61 8.84 -10.77 27.79
C ILE D 61 7.93 -11.86 27.20
N SER D 62 8.35 -13.11 27.31
CA SER D 62 7.54 -14.24 26.85
CA SER D 62 7.55 -14.25 26.85
C SER D 62 6.23 -14.32 27.63
N VAL D 63 6.31 -14.20 28.95
CA VAL D 63 5.11 -14.15 29.78
C VAL D 63 4.26 -12.91 29.45
N THR D 64 4.90 -11.76 29.29
CA THR D 64 4.18 -10.54 28.96
C THR D 64 3.43 -10.66 27.63
N GLU D 65 4.04 -11.29 26.63
CA GLU D 65 3.35 -11.55 25.35
C GLU D 65 2.09 -12.38 25.54
N MET D 66 2.17 -13.43 26.34
CA MET D 66 0.99 -14.25 26.64
C MET D 66 -0.15 -13.38 27.19
N GLU D 67 0.17 -12.51 28.14
CA GLU D 67 -0.82 -11.60 28.73
C GLU D 67 -1.37 -10.63 27.69
N ALA D 68 -0.50 -10.13 26.82
CA ALA D 68 -0.91 -9.15 25.81
C ALA D 68 -1.90 -9.73 24.80
N TYR D 69 -1.73 -11.02 24.49
CA TYR D 69 -2.64 -11.70 23.56
C TYR D 69 -4.01 -12.04 24.17
N ARG D 70 -4.08 -12.07 25.50
CA ARG D 70 -5.32 -12.43 26.22
C ARG D 70 -6.52 -11.58 25.75
N ASN D 71 -7.63 -12.23 25.44
CA ASN D 71 -8.82 -11.55 24.93
C ASN D 71 -9.42 -10.57 25.95
N GLU D 72 -9.89 -9.44 25.43
CA GLU D 72 -10.61 -8.41 26.22
C GLU D 72 -10.08 -8.23 27.66
N HIS D 73 -8.83 -7.80 27.76
CA HIS D 73 -8.29 -7.25 29.01
C HIS D 73 -7.89 -5.80 28.77
N THR D 74 -7.16 -5.56 27.68
CA THR D 74 -6.81 -4.21 27.20
C THR D 74 -6.12 -3.37 28.28
N HIS D 75 -5.30 -4.02 29.09
CA HIS D 75 -4.44 -3.34 30.04
C HIS D 75 -3.18 -2.90 29.32
N LEU D 76 -2.52 -1.89 29.85
CA LEU D 76 -1.20 -1.50 29.37
C LEU D 76 -0.24 -2.60 29.86
N ASN D 77 0.54 -3.17 28.95
CA ASN D 77 1.51 -4.21 29.30
C ASN D 77 2.93 -3.64 29.25
N LEU D 78 3.57 -3.49 30.40
CA LEU D 78 4.93 -2.93 30.49
C LEU D 78 5.84 -3.90 31.18
N VAL D 79 7.05 -4.04 30.64
CA VAL D 79 8.15 -4.71 31.32
C VAL D 79 9.07 -3.56 31.73
N GLU D 80 9.13 -3.28 33.03
CA GLU D 80 9.76 -2.04 33.52
C GLU D 80 11.17 -2.25 34.07
N ASP D 81 12.01 -1.23 33.84
CA ASP D 81 13.38 -1.16 34.38
C ASP D 81 14.21 -2.42 34.15
N VAL D 82 14.26 -2.83 32.89
CA VAL D 82 15.01 -4.01 32.47
C VAL D 82 16.38 -3.58 32.00
N PHE D 83 17.41 -4.23 32.51
CA PHE D 83 18.78 -3.93 32.14
C PHE D 83 19.20 -4.73 30.91
N ILE D 84 19.48 -4.03 29.81
CA ILE D 84 19.92 -4.66 28.55
C ILE D 84 21.01 -3.81 27.91
N GLN D 85 22.11 -4.46 27.48
CA GLN D 85 23.19 -3.74 26.80
CA GLN D 85 23.23 -3.80 26.83
C GLN D 85 23.60 -2.49 27.58
N ASN D 86 23.89 -2.67 28.87
CA ASN D 86 24.32 -1.59 29.78
C ASN D 86 23.41 -0.36 29.92
N ARG D 87 22.10 -0.54 29.72
CA ARG D 87 21.10 0.52 29.91
CA ARG D 87 21.16 0.50 30.12
C ARG D 87 19.81 -0.08 30.48
N PHE D 88 19.00 0.75 31.14
CA PHE D 88 17.70 0.37 31.64
C PHE D 88 16.61 0.81 30.67
N TRP D 89 15.73 -0.12 30.35
CA TRP D 89 14.66 0.10 29.42
C TRP D 89 13.33 -0.23 30.06
N THR D 90 12.29 0.41 29.56
CA THR D 90 10.94 -0.01 29.86
C THR D 90 10.28 -0.30 28.52
N ILE D 91 9.70 -1.49 28.40
CA ILE D 91 9.19 -1.97 27.14
C ILE D 91 7.67 -2.10 27.22
N SER D 92 6.96 -1.47 26.29
CA SER D 92 5.51 -1.70 26.14
C SER D 92 5.26 -2.79 25.12
N VAL D 93 4.25 -3.60 25.36
CA VAL D 93 3.92 -4.73 24.52
C VAL D 93 2.43 -4.62 24.19
N GLN D 94 2.13 -4.51 22.90
CA GLN D 94 0.74 -4.34 22.43
CA GLN D 94 0.75 -4.36 22.44
C GLN D 94 0.45 -5.34 21.32
N SER D 95 -0.67 -6.05 21.43
CA SER D 95 -1.07 -6.99 20.40
CA SER D 95 -1.08 -6.99 20.40
C SER D 95 -2.01 -6.31 19.39
N PHE D 96 -1.99 -6.80 18.16
CA PHE D 96 -2.85 -6.34 17.08
C PHE D 96 -3.36 -7.55 16.32
N LEU D 97 -4.52 -7.40 15.70
CA LEU D 97 -4.99 -8.34 14.70
C LEU D 97 -4.73 -7.77 13.32
N ASN D 98 -3.98 -8.51 12.52
CA ASN D 98 -3.75 -8.20 11.11
C ASN D 98 -4.57 -9.20 10.31
N GLY D 99 -5.85 -8.89 10.13
CA GLY D 99 -6.82 -9.84 9.58
C GLY D 99 -7.10 -10.93 10.59
N HIS D 100 -6.57 -12.13 10.34
CA HIS D 100 -6.66 -13.23 11.29
C HIS D 100 -5.30 -13.56 11.90
N ARG D 101 -4.29 -12.79 11.56
CA ARG D 101 -2.95 -12.99 12.09
C ARG D 101 -2.75 -12.15 13.36
N ASN D 102 -2.25 -12.77 14.41
CA ASN D 102 -1.95 -12.07 15.64
C ASN D 102 -0.50 -11.61 15.58
N ILE D 103 -0.30 -10.31 15.78
CA ILE D 103 1.04 -9.74 15.84
C ILE D 103 1.19 -8.91 17.10
N ILE D 104 2.43 -8.54 17.37
CA ILE D 104 2.77 -7.84 18.61
CA ILE D 104 2.75 -7.85 18.59
C ILE D 104 3.85 -6.84 18.35
N LEU D 105 3.70 -5.70 19.00
CA LEU D 105 4.66 -4.62 18.95
C LEU D 105 5.38 -4.50 20.28
N TRP D 106 6.70 -4.44 20.22
CA TRP D 106 7.52 -4.08 21.36
C TRP D 106 8.09 -2.68 21.12
N GLN D 107 7.90 -1.77 22.07
CA GLN D 107 8.50 -0.45 22.01
C GLN D 107 9.38 -0.26 23.23
N PHE D 108 10.64 0.10 22.99
CA PHE D 108 11.63 0.23 24.05
C PHE D 108 11.82 1.69 24.42
N TYR D 109 11.48 2.05 25.65
CA TYR D 109 11.69 3.41 26.17
C TYR D 109 12.89 3.38 27.10
N ASP D 110 13.73 4.41 27.10
CA ASP D 110 14.65 4.56 28.20
C ASP D 110 13.78 4.63 29.46
N ALA D 111 14.16 3.86 30.47
CA ALA D 111 13.30 3.72 31.65
C ALA D 111 12.98 5.06 32.32
N ALA D 112 13.92 5.99 32.25
CA ALA D 112 13.73 7.34 32.82
C ALA D 112 12.79 8.23 31.98
N HIS D 113 12.49 7.79 30.75
CA HIS D 113 11.62 8.54 29.84
C HIS D 113 10.14 8.07 29.91
N VAL D 114 9.83 7.14 30.81
CA VAL D 114 8.43 6.73 31.08
C VAL D 114 8.01 7.28 32.44
N ARG D 115 7.10 8.26 32.41
CA ARG D 115 6.77 9.04 33.60
C ARG D 115 5.33 8.79 34.00
N HIS D 116 5.12 8.42 35.26
CA HIS D 116 3.79 8.28 35.83
C HIS D 116 3.43 9.62 36.47
N LYS D 117 2.56 10.38 35.81
CA LYS D 117 2.20 11.73 36.29
C LYS D 117 1.29 11.65 37.50
S1 DTT E . -26.91 -11.30 -21.93
C1 DTT E . -26.71 -11.25 -23.73
C2 DTT E . -25.52 -10.39 -24.11
O2 DTT E . -25.69 -9.00 -23.82
C3 DTT E . -25.03 -10.38 -25.56
O3 DTT E . -23.66 -10.69 -25.28
C4 DTT E . -25.73 -11.20 -26.63
S4 DTT E . -27.02 -10.30 -27.56
S1 DTD F . -0.45 -2.85 -26.47
C1 DTD F . -0.88 -3.27 -24.81
C2 DTD F . -0.50 -2.22 -23.78
O2 DTD F . -1.39 -2.27 -22.67
C3 DTD F . -0.54 -0.81 -24.34
O3 DTD F . -0.64 0.09 -23.23
C4 DTD F . 0.68 -0.45 -25.17
S4 DTD F . 1.22 -1.74 -26.25
C1 GOL G . -9.17 13.22 36.79
O1 GOL G . -8.31 13.15 37.94
C2 GOL G . -10.49 12.50 37.08
O2 GOL G . -10.24 11.09 37.33
C3 GOL G . -11.45 12.67 35.90
O3 GOL G . -12.79 12.26 36.22
S1 DTD H . 0.08 2.48 17.68
C1 DTD H . 0.51 1.74 19.23
C2 DTD H . 1.83 2.29 19.78
O2 DTD H . 1.81 2.47 21.21
C3 DTD H . 2.23 3.63 19.20
O3 DTD H . 3.27 4.14 20.06
C4 DTD H . 2.74 3.53 17.74
S4 DTD H . 1.87 2.36 16.73
#